data_4NLM
#
_entry.id   4NLM
#
_cell.length_a   49.224
_cell.length_b   69.990
_cell.length_c   52.905
_cell.angle_alpha   90.00
_cell.angle_beta   95.61
_cell.angle_gamma   90.00
#
_symmetry.space_group_name_H-M   'P 1 21 1'
#
loop_
_entity.id
_entity.type
_entity.pdbx_description
1 polymer 'Lmo1340 protein'
2 water water
#
_entity_poly.entity_id   1
_entity_poly.type   'polypeptide(L)'
_entity_poly.pdbx_seq_one_letter_code
;(MSE)HHHHHHSSGVDLGTENLYFQSNAEEKETPKKTAKEVQGVQIKTKEFQRVVGWLSKDSVLLQTKKSGVTYFEELNI
YNEKKRPIFNTKESISEVQISPDYRNILLYSAESAEKAT(MSE)RIIALNDGSTVASRATKPLTTTFYWNDESPEKI
(MSE)FVTYSPEWNFQIENWDYTLDQLDKIDVASPFISWYGDNLVISNNKDKPDDELGNLYLQDIRDSATKNLIVANI
(MSE)QFAVHDNVLLTIEKNSDEKLLYDFRTLGFQNFFSYNAAREYDELGTFVPYFDTNFDKNTFLTFVPYKSAKIGSGA
KEYKLVKIDPTNKKESTILEL(MSE)DNQPILSYETGDLVLYGYLFDKVIDTKTGK(MSE)YNLINTPTKSF
;
_entity_poly.pdbx_strand_id   A
#
# COMPACT_ATOMS: atom_id res chain seq x y z
N LYS A 35 12.16 -15.07 20.24
CA LYS A 35 13.08 -14.04 19.66
C LYS A 35 12.39 -12.69 19.54
N GLU A 36 13.15 -11.63 19.79
CA GLU A 36 12.63 -10.27 19.61
C GLU A 36 13.46 -9.51 18.60
N VAL A 37 12.79 -8.60 17.89
CA VAL A 37 13.41 -7.75 16.92
C VAL A 37 14.62 -7.03 17.47
N GLN A 38 15.71 -7.08 16.71
N GLN A 38 15.68 -7.02 16.68
CA GLN A 38 16.92 -6.35 17.02
CA GLN A 38 16.95 -6.39 17.03
C GLN A 38 17.08 -5.30 15.94
C GLN A 38 17.29 -5.36 15.96
N GLY A 39 17.37 -4.07 16.33
CA GLY A 39 17.60 -3.02 15.36
C GLY A 39 19.03 -2.86 14.92
N VAL A 40 19.19 -2.19 13.80
CA VAL A 40 20.52 -1.80 13.29
C VAL A 40 20.58 -0.29 13.24
N GLN A 41 21.78 0.24 13.42
N GLN A 41 21.77 0.27 13.42
CA GLN A 41 22.02 1.68 13.33
CA GLN A 41 21.91 1.71 13.34
C GLN A 41 22.38 2.06 11.91
C GLN A 41 22.39 2.09 11.96
N ILE A 42 21.73 3.09 11.40
CA ILE A 42 22.06 3.59 10.06
C ILE A 42 22.02 5.12 10.21
N LYS A 43 23.03 5.77 9.63
CA LYS A 43 23.10 7.23 9.61
C LYS A 43 21.83 7.77 9.00
N THR A 44 21.32 8.82 9.59
CA THR A 44 20.05 9.40 9.18
C THR A 44 19.90 9.71 7.71
N LYS A 45 20.88 10.39 7.13
N LYS A 45 20.87 10.40 7.13
CA LYS A 45 20.81 10.79 5.73
CA LYS A 45 20.75 10.79 5.73
C LYS A 45 21.04 9.64 4.77
C LYS A 45 21.17 9.69 4.74
N GLU A 46 21.65 8.57 5.27
CA GLU A 46 21.93 7.37 4.48
C GLU A 46 20.69 6.47 4.39
N PHE A 47 19.95 6.33 5.49
CA PHE A 47 18.75 5.50 5.53
C PHE A 47 17.70 6.22 4.69
N GLN A 48 17.12 5.49 3.74
CA GLN A 48 16.01 6.03 2.95
C GLN A 48 14.70 5.51 3.56
N ARG A 49 14.49 4.20 3.53
CA ARG A 49 13.32 3.61 4.17
C ARG A 49 13.42 2.10 4.18
N VAL A 50 12.57 1.48 5.02
CA VAL A 50 12.22 0.08 4.85
C VAL A 50 11.01 0.08 3.92
N VAL A 51 11.11 -0.68 2.81
CA VAL A 51 10.04 -0.65 1.82
C VAL A 51 8.86 -1.55 2.26
N GLY A 52 9.18 -2.67 2.89
CA GLY A 52 8.17 -3.65 3.30
C GLY A 52 8.79 -4.95 3.70
N TRP A 53 7.93 -5.96 3.92
CA TRP A 53 8.37 -7.27 4.30
C TRP A 53 8.83 -8.08 3.07
N LEU A 54 9.86 -8.88 3.29
CA LEU A 54 10.26 -9.91 2.31
C LEU A 54 9.96 -11.32 2.76
N SER A 55 9.82 -11.51 4.07
CA SER A 55 9.51 -12.81 4.66
C SER A 55 9.06 -12.53 6.08
N LYS A 56 8.74 -13.59 6.84
CA LYS A 56 8.29 -13.37 8.21
C LYS A 56 9.37 -12.75 9.08
N ASP A 57 10.63 -12.92 8.69
CA ASP A 57 11.71 -12.38 9.51
C ASP A 57 12.64 -11.44 8.79
N SER A 58 12.21 -10.85 7.67
CA SER A 58 13.11 -9.95 6.95
C SER A 58 12.36 -8.90 6.18
N VAL A 59 13.07 -7.80 5.92
CA VAL A 59 12.50 -6.65 5.26
C VAL A 59 13.43 -6.21 4.12
N LEU A 60 12.85 -5.42 3.22
CA LEU A 60 13.58 -4.75 2.16
C LEU A 60 14.04 -3.36 2.63
N LEU A 61 15.34 -3.22 2.74
CA LEU A 61 16.00 -2.00 3.22
C LEU A 61 16.60 -1.22 2.07
N GLN A 62 16.29 0.07 2.03
CA GLN A 62 16.80 1.01 1.03
C GLN A 62 17.65 2.07 1.71
N THR A 63 18.89 2.16 1.25
CA THR A 63 19.85 3.16 1.75
C THR A 63 20.51 3.79 0.53
N LYS A 64 21.22 4.90 0.75
CA LYS A 64 21.90 5.61 -0.35
C LYS A 64 23.17 6.23 0.15
N LYS A 65 24.24 6.05 -0.62
N LYS A 65 24.24 6.04 -0.60
CA LYS A 65 25.53 6.59 -0.29
CA LYS A 65 25.52 6.65 -0.27
C LYS A 65 26.33 6.85 -1.55
C LYS A 65 26.34 6.85 -1.52
N SER A 66 26.97 8.01 -1.61
CA SER A 66 27.77 8.37 -2.76
C SER A 66 27.01 8.23 -4.07
N GLY A 67 25.74 8.58 -4.06
CA GLY A 67 24.91 8.54 -5.26
C GLY A 67 24.38 7.19 -5.66
N VAL A 68 24.71 6.17 -4.88
CA VAL A 68 24.25 4.86 -5.20
C VAL A 68 23.17 4.43 -4.20
N THR A 69 22.01 4.00 -4.71
CA THR A 69 20.96 3.47 -3.86
C THR A 69 21.17 1.98 -3.79
N TYR A 70 21.15 1.47 -2.56
CA TYR A 70 21.30 0.07 -2.28
C TYR A 70 20.02 -0.55 -1.75
N PHE A 71 19.68 -1.72 -2.25
CA PHE A 71 18.55 -2.52 -1.77
C PHE A 71 19.12 -3.79 -1.16
N GLU A 72 18.73 -4.04 0.08
CA GLU A 72 19.19 -5.21 0.82
C GLU A 72 18.04 -5.91 1.52
N GLU A 73 18.22 -7.22 1.73
CA GLU A 73 17.33 -7.94 2.65
C GLU A 73 17.96 -7.84 4.03
N LEU A 74 17.18 -7.41 5.02
CA LEU A 74 17.64 -7.25 6.39
C LEU A 74 16.85 -8.17 7.29
N ASN A 75 17.55 -9.04 8.00
CA ASN A 75 16.89 -9.94 8.95
C ASN A 75 16.55 -9.15 10.22
N ILE A 76 15.31 -9.26 10.69
CA ILE A 76 14.85 -8.45 11.82
C ILE A 76 15.31 -8.92 13.19
N TYR A 77 15.87 -10.13 13.24
CA TYR A 77 16.31 -10.71 14.50
C TYR A 77 17.83 -10.76 14.69
N ASN A 78 18.57 -10.93 13.61
CA ASN A 78 20.01 -11.10 13.75
C ASN A 78 20.87 -10.08 13.00
N GLU A 79 20.23 -9.10 12.36
CA GLU A 79 20.91 -7.98 11.70
C GLU A 79 21.66 -8.36 10.44
N LYS A 80 21.50 -9.58 9.95
CA LYS A 80 22.22 -9.95 8.73
C LYS A 80 21.62 -9.24 7.52
N LYS A 81 22.50 -8.76 6.67
CA LYS A 81 22.12 -8.09 5.43
C LYS A 81 22.56 -8.88 4.23
N ARG A 82 21.74 -8.84 3.19
CA ARG A 82 22.05 -9.48 1.93
C ARG A 82 21.82 -8.48 0.82
N PRO A 83 22.83 -8.26 -0.03
CA PRO A 83 22.64 -7.32 -1.13
C PRO A 83 21.74 -7.88 -2.20
N ILE A 84 20.81 -7.08 -2.70
CA ILE A 84 19.95 -7.47 -3.78
C ILE A 84 20.30 -6.75 -5.08
N PHE A 85 20.30 -5.42 -5.06
CA PHE A 85 20.46 -4.59 -6.26
C PHE A 85 20.91 -3.21 -5.86
N ASN A 86 21.62 -2.55 -6.76
CA ASN A 86 21.98 -1.17 -6.52
C ASN A 86 21.88 -0.38 -7.84
N THR A 87 21.74 0.95 -7.73
CA THR A 87 21.60 1.79 -8.91
C THR A 87 21.94 3.22 -8.60
N LYS A 88 22.41 3.93 -9.64
CA LYS A 88 22.65 5.37 -9.53
C LYS A 88 21.46 6.17 -10.04
N GLU A 89 20.45 5.49 -10.58
CA GLU A 89 19.26 6.18 -11.09
C GLU A 89 18.44 6.78 -9.95
N SER A 90 17.63 7.79 -10.28
N SER A 90 17.67 7.84 -10.23
CA SER A 90 16.75 8.45 -9.33
CA SER A 90 16.82 8.44 -9.19
C SER A 90 15.56 7.54 -9.05
C SER A 90 15.62 7.55 -9.02
N ILE A 91 15.29 7.25 -7.78
CA ILE A 91 14.24 6.30 -7.44
C ILE A 91 12.89 6.99 -7.40
N SER A 92 11.94 6.50 -8.16
CA SER A 92 10.61 7.04 -8.16
C SER A 92 9.64 6.16 -7.38
N GLU A 93 9.69 4.84 -7.61
CA GLU A 93 8.83 3.91 -6.87
C GLU A 93 9.53 2.56 -6.73
N VAL A 94 9.30 1.91 -5.59
CA VAL A 94 9.76 0.54 -5.35
C VAL A 94 8.61 -0.20 -4.74
N GLN A 95 8.27 -1.35 -5.29
CA GLN A 95 7.24 -2.21 -4.71
C GLN A 95 7.72 -3.63 -4.68
N ILE A 96 7.25 -4.34 -3.67
CA ILE A 96 7.49 -5.78 -3.52
C ILE A 96 6.31 -6.54 -4.11
N SER A 97 6.59 -7.58 -4.90
CA SER A 97 5.53 -8.34 -5.55
C SER A 97 4.62 -9.04 -4.54
N PRO A 98 3.37 -9.29 -4.94
CA PRO A 98 2.44 -9.93 -4.03
C PRO A 98 2.92 -11.30 -3.52
N ASP A 99 3.76 -11.98 -4.28
CA ASP A 99 4.27 -13.30 -3.89
C ASP A 99 5.66 -13.18 -3.25
N TYR A 100 6.13 -11.95 -2.99
CA TYR A 100 7.41 -11.73 -2.34
C TYR A 100 8.62 -12.30 -3.11
N ARG A 101 8.53 -12.41 -4.40
CA ARG A 101 9.60 -12.98 -5.21
C ARG A 101 10.35 -11.95 -6.03
N ASN A 102 9.69 -10.83 -6.34
CA ASN A 102 10.27 -9.80 -7.18
C ASN A 102 10.06 -8.42 -6.61
N ILE A 103 10.83 -7.49 -7.15
N ILE A 103 10.83 -7.48 -7.10
CA ILE A 103 10.70 -6.08 -6.87
CA ILE A 103 10.55 -6.10 -6.86
C ILE A 103 10.40 -5.36 -8.20
C ILE A 103 10.37 -5.37 -8.19
N LEU A 104 9.52 -4.36 -8.15
CA LEU A 104 9.36 -3.40 -9.22
C LEU A 104 10.14 -2.17 -8.83
N LEU A 105 11.03 -1.74 -9.71
CA LEU A 105 11.75 -0.50 -9.53
C LEU A 105 11.43 0.40 -10.69
N TYR A 106 10.92 1.59 -10.37
CA TYR A 106 10.68 2.62 -11.35
C TYR A 106 11.69 3.71 -11.04
N SER A 107 12.60 3.97 -11.98
CA SER A 107 13.66 4.90 -11.74
C SER A 107 14.00 5.67 -13.01
N ALA A 108 14.70 6.80 -12.86
CA ALA A 108 15.05 7.64 -13.98
C ALA A 108 16.54 7.88 -14.07
N GLU A 109 17.07 7.72 -15.28
CA GLU A 109 18.47 7.97 -15.53
C GLU A 109 18.70 9.44 -15.87
N SER A 110 17.64 10.10 -16.35
CA SER A 110 17.74 11.49 -16.76
C SER A 110 16.36 12.12 -16.88
N ALA A 111 16.31 13.40 -17.23
CA ALA A 111 15.03 14.10 -17.41
C ALA A 111 14.28 13.53 -18.63
N GLU A 112 14.97 12.78 -19.48
N GLU A 112 15.01 12.80 -19.45
CA GLU A 112 14.36 12.24 -20.70
CA GLU A 112 14.52 12.25 -20.71
C GLU A 112 14.17 10.73 -20.69
C GLU A 112 14.26 10.76 -20.72
N LYS A 113 14.75 10.05 -19.70
CA LYS A 113 14.66 8.58 -19.69
C LYS A 113 14.38 7.99 -18.34
N ALA A 114 13.42 7.07 -18.32
CA ALA A 114 13.06 6.30 -17.11
C ALA A 114 12.84 4.87 -17.53
N THR A 115 12.83 3.97 -16.54
CA THR A 115 12.71 2.56 -16.79
C THR A 115 11.90 1.97 -15.67
N ARG A 117 11.68 -1.70 -14.11
N ARG A 117 11.60 -1.73 -14.10
CA ARG A 117 12.35 -2.98 -14.07
CA ARG A 117 12.35 -2.96 -14.08
C ARG A 117 11.74 -3.93 -13.06
C ARG A 117 11.79 -3.91 -13.05
N ILE A 118 11.68 -5.21 -13.41
CA ILE A 118 11.30 -6.23 -12.46
C ILE A 118 12.60 -6.95 -12.09
N ILE A 119 12.91 -7.01 -10.80
CA ILE A 119 14.14 -7.58 -10.30
C ILE A 119 13.85 -8.75 -9.40
N ALA A 120 14.53 -9.87 -9.63
CA ALA A 120 14.33 -11.05 -8.78
C ALA A 120 15.00 -10.86 -7.43
N LEU A 121 14.26 -11.15 -6.37
CA LEU A 121 14.81 -11.02 -5.04
C LEU A 121 15.92 -12.01 -4.73
N ASN A 122 15.86 -13.20 -5.31
CA ASN A 122 16.84 -14.20 -4.92
C ASN A 122 18.27 -13.93 -5.40
N ASP A 123 18.41 -13.31 -6.57
CA ASP A 123 19.74 -13.02 -7.06
C ASP A 123 19.96 -11.62 -7.64
N GLY A 124 18.94 -10.76 -7.57
CA GLY A 124 19.07 -9.39 -8.08
C GLY A 124 19.11 -9.24 -9.59
N SER A 125 18.77 -10.31 -10.30
CA SER A 125 18.76 -10.28 -11.76
C SER A 125 17.55 -9.54 -12.28
N THR A 126 17.70 -8.98 -13.47
CA THR A 126 16.60 -8.26 -14.11
C THR A 126 15.73 -9.28 -14.87
N VAL A 127 14.48 -9.42 -14.44
CA VAL A 127 13.50 -10.33 -15.05
C VAL A 127 12.88 -9.71 -16.30
N ALA A 128 12.64 -8.40 -16.25
CA ALA A 128 12.00 -7.70 -17.37
C ALA A 128 12.22 -6.21 -17.20
N SER A 129 12.10 -5.48 -18.31
CA SER A 129 12.30 -4.06 -18.27
C SER A 129 11.58 -3.38 -19.43
N ARG A 130 11.13 -2.15 -19.22
CA ARG A 130 10.60 -1.34 -20.30
C ARG A 130 11.01 0.10 -20.06
N ALA A 131 11.29 0.78 -21.16
CA ALA A 131 11.73 2.15 -21.16
C ALA A 131 10.54 3.08 -21.31
N THR A 132 10.61 4.21 -20.64
CA THR A 132 9.53 5.17 -20.70
C THR A 132 10.09 6.55 -20.39
N LYS A 133 9.20 7.49 -20.13
CA LYS A 133 9.59 8.83 -19.75
C LYS A 133 9.36 9.01 -18.25
N PRO A 134 10.11 9.91 -17.59
CA PRO A 134 9.92 10.07 -16.14
C PRO A 134 8.66 10.85 -15.84
N LEU A 135 7.58 10.14 -15.67
CA LEU A 135 6.31 10.71 -15.39
C LEU A 135 5.76 10.14 -14.10
N THR A 136 4.91 10.94 -13.47
CA THR A 136 4.26 10.47 -12.25
C THR A 136 3.39 9.28 -12.54
N THR A 137 3.61 8.22 -11.77
CA THR A 137 2.95 6.94 -12.04
C THR A 137 2.57 6.26 -10.73
N THR A 138 1.40 5.63 -10.75
CA THR A 138 0.93 4.84 -9.61
C THR A 138 0.78 3.40 -10.10
N PHE A 139 1.31 2.43 -9.35
CA PHE A 139 1.37 1.06 -9.78
C PHE A 139 0.48 0.12 -8.98
N TYR A 140 -0.16 -0.86 -9.65
CA TYR A 140 -1.06 -1.83 -9.03
C TYR A 140 -0.63 -3.20 -9.50
N TRP A 141 -0.05 -3.99 -8.62
CA TRP A 141 0.46 -5.31 -8.99
C TRP A 141 -0.65 -6.34 -8.79
N ASN A 142 -0.98 -7.13 -9.80
CA ASN A 142 -2.05 -8.12 -9.75
C ASN A 142 -1.68 -9.28 -8.84
N ASP A 143 -2.44 -9.43 -7.76
CA ASP A 143 -2.18 -10.48 -6.79
C ASP A 143 -2.44 -11.88 -7.34
N GLU A 144 -3.44 -12.03 -8.20
CA GLU A 144 -3.78 -13.36 -8.75
C GLU A 144 -2.87 -13.81 -9.88
N SER A 145 -2.45 -12.85 -10.69
CA SER A 145 -1.60 -13.08 -11.83
C SER A 145 -0.48 -12.07 -11.73
N PRO A 146 0.55 -12.39 -10.94
CA PRO A 146 1.59 -11.38 -10.72
C PRO A 146 2.55 -11.09 -11.89
N GLU A 147 2.24 -11.65 -13.05
CA GLU A 147 2.92 -11.27 -14.26
C GLU A 147 2.39 -9.90 -14.75
N LYS A 148 1.27 -9.45 -14.20
CA LYS A 148 0.62 -8.23 -14.65
C LYS A 148 0.72 -7.08 -13.66
N ILE A 149 1.17 -5.93 -14.15
CA ILE A 149 1.23 -4.71 -13.36
C ILE A 149 0.48 -3.64 -14.13
N PHE A 151 -0.79 0.35 -14.31
CA PHE A 151 -0.32 1.62 -13.82
C PHE A 151 -1.04 2.78 -14.47
N VAL A 152 -1.17 3.80 -13.63
CA VAL A 152 -1.78 5.06 -14.00
C VAL A 152 -0.65 6.06 -14.19
N THR A 153 -0.59 6.66 -15.38
N THR A 153 -0.56 6.67 -15.37
CA THR A 153 0.39 7.70 -15.68
CA THR A 153 0.46 7.68 -15.65
C THR A 153 -0.29 9.04 -15.86
C THR A 153 -0.23 9.02 -15.90
N TYR A 154 0.35 10.07 -15.31
CA TYR A 154 -0.19 11.42 -15.35
C TYR A 154 0.72 12.36 -16.15
N SER A 155 0.12 13.21 -16.96
CA SER A 155 0.84 14.27 -17.65
C SER A 155 -0.19 15.27 -18.12
N PRO A 156 0.20 16.57 -18.21
CA PRO A 156 -0.79 17.54 -18.66
C PRO A 156 -1.31 17.31 -20.07
N GLU A 157 -0.56 16.57 -20.88
CA GLU A 157 -0.97 16.31 -22.24
C GLU A 157 -2.17 15.39 -22.34
N TRP A 158 -2.42 14.57 -21.31
CA TRP A 158 -3.55 13.63 -21.36
C TRP A 158 -4.32 13.44 -20.04
N ASN A 159 -3.96 14.20 -19.02
CA ASN A 159 -4.56 14.11 -17.66
C ASN A 159 -4.10 12.83 -16.98
N PHE A 160 -4.80 11.73 -17.20
CA PHE A 160 -4.33 10.44 -16.70
C PHE A 160 -4.71 9.38 -17.71
N GLN A 161 -3.98 8.27 -17.69
CA GLN A 161 -4.30 7.13 -18.54
C GLN A 161 -3.86 5.91 -17.76
N ILE A 162 -4.39 4.77 -18.16
CA ILE A 162 -4.17 3.49 -17.46
C ILE A 162 -3.74 2.43 -18.46
N GLU A 163 -2.70 1.69 -18.12
CA GLU A 163 -2.19 0.61 -18.96
C GLU A 163 -1.87 -0.59 -18.10
N ASN A 164 -1.84 -1.74 -18.74
CA ASN A 164 -1.46 -3.00 -18.12
C ASN A 164 -0.27 -3.57 -18.82
N TRP A 165 0.78 -3.83 -18.07
CA TRP A 165 1.98 -4.45 -18.56
C TRP A 165 2.11 -5.88 -18.11
N ASP A 166 2.02 -6.82 -19.05
CA ASP A 166 2.33 -8.21 -18.74
C ASP A 166 3.80 -8.33 -19.05
N TYR A 167 4.61 -8.28 -18.01
CA TYR A 167 6.05 -8.20 -18.23
C TYR A 167 6.67 -9.51 -18.67
N THR A 168 5.95 -10.61 -18.50
CA THR A 168 6.41 -11.92 -18.94
C THR A 168 6.19 -12.11 -20.43
N LEU A 169 5.21 -11.39 -20.98
N LEU A 169 5.20 -11.43 -21.01
CA LEU A 169 4.88 -11.51 -22.40
CA LEU A 169 4.94 -11.54 -22.45
C LEU A 169 5.21 -10.25 -23.21
C LEU A 169 5.27 -10.28 -23.24
N ASP A 170 5.85 -9.27 -22.59
CA ASP A 170 6.18 -8.02 -23.24
C ASP A 170 4.96 -7.42 -23.90
N GLN A 171 3.84 -7.42 -23.19
CA GLN A 171 2.56 -6.95 -23.71
C GLN A 171 2.11 -5.71 -22.90
N LEU A 172 1.73 -4.64 -23.59
CA LEU A 172 1.21 -3.43 -22.95
C LEU A 172 -0.13 -3.18 -23.58
N ASP A 173 -1.16 -3.11 -22.75
CA ASP A 173 -2.53 -2.91 -23.17
C ASP A 173 -3.13 -1.71 -22.48
N LYS A 174 -3.95 -0.96 -23.20
CA LYS A 174 -4.68 0.14 -22.62
C LYS A 174 -5.84 -0.39 -21.81
N ILE A 175 -6.13 0.27 -20.69
CA ILE A 175 -7.28 -0.06 -19.84
C ILE A 175 -8.22 1.14 -19.93
N ASP A 176 -9.40 0.89 -20.51
N ASP A 176 -9.40 0.89 -20.50
CA ASP A 176 -10.40 1.91 -20.72
CA ASP A 176 -10.41 1.92 -20.72
C ASP A 176 -11.32 2.04 -19.51
C ASP A 176 -11.32 2.05 -19.51
N VAL A 177 -10.77 2.65 -18.46
CA VAL A 177 -11.50 2.85 -17.22
C VAL A 177 -11.42 4.37 -16.97
N ALA A 178 -12.55 4.96 -16.60
CA ALA A 178 -12.70 6.41 -16.54
C ALA A 178 -12.32 7.06 -15.23
N SER A 179 -11.54 6.38 -14.43
CA SER A 179 -11.13 6.90 -13.14
C SER A 179 -9.75 6.42 -12.80
N PRO A 180 -8.98 7.23 -12.08
CA PRO A 180 -7.69 6.72 -11.64
C PRO A 180 -7.74 5.94 -10.32
N PHE A 181 -8.91 5.89 -9.69
N PHE A 181 -8.91 5.94 -9.67
CA PHE A 181 -9.07 5.21 -8.42
CA PHE A 181 -9.12 5.23 -8.42
C PHE A 181 -9.47 3.79 -8.69
C PHE A 181 -9.47 3.80 -8.73
N ILE A 182 -8.46 2.93 -8.74
CA ILE A 182 -8.63 1.57 -9.21
C ILE A 182 -7.95 0.51 -8.35
N SER A 183 -8.36 -0.74 -8.59
N SER A 183 -8.29 -0.74 -8.63
CA SER A 183 -7.72 -1.88 -7.98
CA SER A 183 -7.59 -1.86 -8.04
C SER A 183 -8.01 -3.12 -8.81
C SER A 183 -7.94 -3.05 -8.90
N TRP A 184 -7.08 -4.05 -8.86
CA TRP A 184 -7.37 -5.32 -9.47
C TRP A 184 -8.41 -6.05 -8.62
N TYR A 185 -9.18 -6.89 -9.26
CA TYR A 185 -10.12 -7.75 -8.55
C TYR A 185 -9.96 -9.22 -8.94
N GLY A 186 -9.17 -9.50 -9.96
CA GLY A 186 -8.90 -10.85 -10.43
C GLY A 186 -7.91 -10.80 -11.60
N ASP A 187 -7.77 -11.93 -12.28
CA ASP A 187 -6.85 -12.05 -13.41
C ASP A 187 -7.09 -10.94 -14.43
N ASN A 188 -8.35 -10.70 -14.78
CA ASN A 188 -8.71 -9.71 -15.83
C ASN A 188 -9.77 -8.71 -15.41
N LEU A 189 -10.00 -8.56 -14.12
CA LEU A 189 -11.05 -7.68 -13.62
C LEU A 189 -10.48 -6.54 -12.81
N VAL A 190 -11.07 -5.36 -12.96
N VAL A 190 -11.11 -5.38 -12.94
CA VAL A 190 -10.64 -4.18 -12.19
CA VAL A 190 -10.69 -4.17 -12.24
C VAL A 190 -11.88 -3.52 -11.64
C VAL A 190 -11.89 -3.44 -11.67
N ILE A 191 -11.76 -2.97 -10.44
CA ILE A 191 -12.79 -2.18 -9.82
C ILE A 191 -12.28 -0.73 -9.83
N SER A 192 -13.19 0.18 -10.13
CA SER A 192 -12.85 1.60 -10.11
C SER A 192 -13.90 2.37 -9.35
N ASN A 193 -13.49 3.47 -8.73
CA ASN A 193 -14.41 4.36 -8.05
C ASN A 193 -14.55 5.56 -8.95
N ASN A 194 -15.72 5.67 -9.59
CA ASN A 194 -15.96 6.69 -10.58
C ASN A 194 -16.69 7.87 -9.96
N LYS A 195 -16.00 8.99 -9.90
CA LYS A 195 -16.55 10.20 -9.29
C LYS A 195 -17.13 11.07 -10.38
N ASP A 196 -18.30 11.66 -10.13
CA ASP A 196 -18.96 12.48 -11.17
C ASP A 196 -18.20 13.77 -11.46
N LYS A 197 -17.60 14.34 -10.43
CA LYS A 197 -16.75 15.53 -10.54
C LYS A 197 -15.46 15.17 -9.80
N PRO A 198 -14.31 15.61 -10.30
CA PRO A 198 -13.00 15.26 -9.72
C PRO A 198 -12.79 15.61 -8.24
N ASP A 199 -13.44 16.65 -7.77
CA ASP A 199 -13.28 17.09 -6.38
C ASP A 199 -14.23 16.37 -5.42
N ASP A 200 -15.15 15.57 -5.95
CA ASP A 200 -16.11 14.85 -5.12
C ASP A 200 -15.45 13.89 -4.14
N GLU A 201 -15.99 13.84 -2.93
CA GLU A 201 -15.50 12.88 -1.94
C GLU A 201 -15.97 11.46 -2.27
N LEU A 202 -17.22 11.35 -2.73
CA LEU A 202 -17.83 10.06 -3.07
C LEU A 202 -17.89 9.78 -4.54
N GLY A 203 -17.92 8.50 -4.87
CA GLY A 203 -18.13 8.02 -6.24
C GLY A 203 -18.92 6.74 -6.20
N ASN A 204 -19.01 6.08 -7.33
CA ASN A 204 -19.70 4.79 -7.42
C ASN A 204 -18.70 3.76 -7.91
N LEU A 205 -18.71 2.59 -7.29
N LEU A 205 -18.71 2.59 -7.28
CA LEU A 205 -17.76 1.54 -7.66
CA LEU A 205 -17.82 1.48 -7.64
C LEU A 205 -18.29 0.67 -8.77
C LEU A 205 -18.33 0.65 -8.80
N TYR A 206 -17.47 0.49 -9.80
CA TYR A 206 -17.78 -0.31 -10.97
C TYR A 206 -16.78 -1.43 -11.13
N LEU A 207 -17.27 -2.57 -11.62
CA LEU A 207 -16.46 -3.74 -11.96
C LEU A 207 -16.43 -3.86 -13.48
N GLN A 208 -15.28 -4.16 -14.04
CA GLN A 208 -15.17 -4.36 -15.49
C GLN A 208 -14.02 -5.27 -15.81
N ASP A 209 -14.16 -5.94 -16.94
CA ASP A 209 -13.09 -6.75 -17.48
C ASP A 209 -12.18 -5.82 -18.27
N ILE A 210 -10.88 -5.90 -18.04
CA ILE A 210 -9.91 -4.96 -18.66
C ILE A 210 -9.77 -5.06 -20.16
N ARG A 211 -10.33 -6.11 -20.71
CA ARG A 211 -10.27 -6.34 -22.13
C ARG A 211 -11.43 -5.67 -22.88
N ASP A 212 -12.53 -5.41 -22.18
CA ASP A 212 -13.73 -4.85 -22.80
C ASP A 212 -14.52 -3.95 -21.87
N SER A 213 -14.46 -2.64 -22.11
CA SER A 213 -15.16 -1.68 -21.26
C SER A 213 -16.69 -1.81 -21.32
N ALA A 214 -17.21 -2.49 -22.33
CA ALA A 214 -18.66 -2.70 -22.40
C ALA A 214 -19.14 -3.55 -21.20
N THR A 215 -18.21 -4.26 -20.56
CA THR A 215 -18.54 -5.10 -19.40
C THR A 215 -18.76 -4.32 -18.09
N LYS A 216 -18.52 -3.01 -18.12
CA LYS A 216 -18.66 -2.13 -16.92
C LYS A 216 -20.01 -2.28 -16.21
N ASN A 217 -19.98 -2.54 -14.90
N ASN A 217 -19.98 -2.50 -14.89
CA ASN A 217 -21.19 -2.73 -14.09
CA ASN A 217 -21.19 -2.69 -14.09
C ASN A 217 -21.07 -2.11 -12.69
C ASN A 217 -21.08 -2.13 -12.68
N LEU A 218 -22.12 -1.42 -12.25
CA LEU A 218 -22.19 -0.83 -10.91
C LEU A 218 -22.28 -1.92 -9.85
N ILE A 219 -21.36 -1.92 -8.89
CA ILE A 219 -21.38 -2.93 -7.83
C ILE A 219 -21.65 -2.33 -6.44
N VAL A 220 -21.23 -1.09 -6.18
CA VAL A 220 -21.47 -0.46 -4.87
C VAL A 220 -21.59 1.04 -5.06
N ALA A 221 -22.69 1.62 -4.61
CA ALA A 221 -22.92 3.03 -4.77
C ALA A 221 -22.35 3.83 -3.61
N ASN A 222 -21.97 5.07 -3.91
CA ASN A 222 -21.65 6.07 -2.89
C ASN A 222 -20.55 5.69 -1.91
N ILE A 223 -19.36 5.48 -2.45
CA ILE A 223 -18.19 5.09 -1.71
C ILE A 223 -17.09 6.14 -1.79
N GLN A 225 -13.70 5.55 -0.46
CA GLN A 225 -12.39 4.96 -0.64
C GLN A 225 -12.62 3.45 -0.62
N PHE A 226 -11.77 2.66 -1.27
CA PHE A 226 -11.93 1.21 -1.27
C PHE A 226 -10.56 0.59 -1.40
N ALA A 227 -10.51 -0.71 -1.09
CA ALA A 227 -9.28 -1.48 -1.22
C ALA A 227 -9.68 -2.94 -1.40
N VAL A 228 -8.79 -3.71 -1.99
CA VAL A 228 -9.03 -5.14 -2.18
C VAL A 228 -7.82 -5.90 -1.65
N HIS A 229 -8.07 -6.99 -0.96
CA HIS A 229 -6.97 -7.84 -0.58
C HIS A 229 -7.53 -9.17 -0.15
N ASP A 230 -6.84 -10.25 -0.50
CA ASP A 230 -7.22 -11.58 -0.06
C ASP A 230 -8.71 -11.87 -0.22
N ASN A 231 -9.22 -11.51 -1.39
CA ASN A 231 -10.60 -11.76 -1.79
C ASN A 231 -11.63 -10.99 -1.00
N VAL A 232 -11.19 -9.94 -0.31
CA VAL A 232 -12.09 -9.08 0.45
C VAL A 232 -12.06 -7.70 -0.17
N LEU A 233 -13.24 -7.14 -0.41
CA LEU A 233 -13.39 -5.77 -0.84
C LEU A 233 -13.77 -4.95 0.40
N LEU A 234 -12.91 -4.00 0.72
CA LEU A 234 -13.14 -3.02 1.78
C LEU A 234 -13.67 -1.74 1.16
N THR A 235 -14.75 -1.22 1.70
CA THR A 235 -15.23 0.08 1.32
C THR A 235 -15.29 0.98 2.55
N ILE A 236 -15.10 2.28 2.32
CA ILE A 236 -15.19 3.29 3.37
C ILE A 236 -16.12 4.38 2.87
N GLU A 237 -17.04 4.82 3.72
CA GLU A 237 -17.98 5.84 3.38
C GLU A 237 -18.38 6.62 4.64
N LYS A 238 -18.75 7.88 4.48
N LYS A 238 -18.82 7.85 4.44
CA LYS A 238 -19.26 8.64 5.59
CA LYS A 238 -19.30 8.69 5.50
C LYS A 238 -20.56 8.02 6.02
C LYS A 238 -20.66 8.19 5.99
N ASN A 239 -20.85 8.11 7.31
CA ASN A 239 -22.11 7.61 7.87
C ASN A 239 -22.51 8.68 8.88
N SER A 240 -23.11 9.75 8.37
CA SER A 240 -23.27 11.01 9.09
C SER A 240 -21.91 11.69 9.18
N ASP A 241 -21.91 12.94 9.63
CA ASP A 241 -20.64 13.65 9.77
C ASP A 241 -19.84 13.15 10.96
N GLU A 242 -20.48 12.39 11.85
N GLU A 242 -20.43 12.30 11.80
CA GLU A 242 -19.83 11.92 13.08
CA GLU A 242 -19.70 11.81 12.95
C GLU A 242 -19.10 10.59 12.96
C GLU A 242 -19.12 10.39 12.80
N LYS A 243 -19.32 9.86 11.86
N LYS A 243 -19.49 9.64 11.75
CA LYS A 243 -18.74 8.51 11.76
CA LYS A 243 -18.97 8.30 11.61
C LYS A 243 -18.33 8.14 10.34
C LYS A 243 -18.42 8.05 10.23
N LEU A 244 -17.31 7.27 10.28
N LEU A 244 -17.45 7.15 10.23
CA LEU A 244 -16.95 6.61 9.03
CA LEU A 244 -16.83 6.64 9.02
C LEU A 244 -17.34 5.16 9.13
C LEU A 244 -17.09 5.12 9.02
N LEU A 245 -17.88 4.66 8.04
CA LEU A 245 -18.34 3.26 7.94
C LEU A 245 -17.45 2.42 7.03
N TYR A 246 -16.85 1.41 7.63
CA TYR A 246 -15.99 0.43 6.97
C TYR A 246 -16.81 -0.82 6.73
N ASP A 247 -17.05 -1.18 5.47
CA ASP A 247 -17.77 -2.39 5.11
C ASP A 247 -16.83 -3.40 4.47
N PHE A 248 -17.05 -4.66 4.77
CA PHE A 248 -16.27 -5.78 4.27
C PHE A 248 -17.18 -6.67 3.45
N ARG A 249 -16.78 -6.89 2.21
CA ARG A 249 -17.55 -7.69 1.29
C ARG A 249 -16.76 -8.86 0.71
N THR A 250 -17.44 -9.99 0.48
CA THR A 250 -16.80 -11.14 -0.15
C THR A 250 -16.71 -10.87 -1.64
N GLY A 252 -19.03 -12.63 -4.26
CA GLY A 252 -20.14 -12.00 -4.95
C GLY A 252 -20.59 -10.69 -4.32
N PHE A 253 -19.68 -10.05 -3.60
CA PHE A 253 -19.93 -8.77 -2.96
C PHE A 253 -20.91 -8.84 -1.80
N GLN A 254 -21.00 -10.02 -1.17
CA GLN A 254 -21.83 -10.17 0.01
C GLN A 254 -21.20 -9.36 1.14
N ASN A 255 -21.97 -8.42 1.68
CA ASN A 255 -21.52 -7.59 2.77
C ASN A 255 -21.58 -8.39 4.07
N PHE A 256 -20.44 -8.66 4.70
CA PHE A 256 -20.39 -9.54 5.87
C PHE A 256 -19.99 -8.90 7.19
N PHE A 257 -19.54 -7.65 7.18
CA PHE A 257 -19.27 -6.95 8.42
C PHE A 257 -19.21 -5.46 8.19
N SER A 258 -19.68 -4.70 9.18
CA SER A 258 -19.62 -3.25 9.18
C SER A 258 -18.95 -2.78 10.48
N TYR A 259 -18.12 -1.77 10.37
CA TYR A 259 -17.47 -1.17 11.53
C TYR A 259 -17.56 0.35 11.39
N ASN A 260 -18.07 1.02 12.41
CA ASN A 260 -18.14 2.49 12.43
C ASN A 260 -17.09 3.05 13.35
N ALA A 261 -16.32 3.96 12.81
CA ALA A 261 -15.30 4.69 13.56
C ALA A 261 -15.71 6.15 13.66
N ALA A 262 -15.28 6.81 14.72
CA ALA A 262 -15.46 8.27 14.79
C ALA A 262 -14.79 8.90 13.59
N ARG A 263 -15.45 9.91 13.03
CA ARG A 263 -14.96 10.56 11.81
C ARG A 263 -14.21 11.86 12.08
N GLU A 264 -12.98 11.92 11.60
CA GLU A 264 -12.22 13.16 11.61
C GLU A 264 -12.34 13.82 10.24
N TYR A 265 -12.08 15.10 10.22
CA TYR A 265 -12.14 15.89 9.02
C TYR A 265 -11.17 17.05 9.13
N ASP A 266 -10.70 17.52 8.00
CA ASP A 266 -9.78 18.63 8.01
C ASP A 266 -10.44 19.71 7.17
N GLU A 267 -9.64 20.68 6.73
CA GLU A 267 -10.17 21.80 5.96
C GLU A 267 -10.70 21.40 4.60
N LEU A 268 -10.29 20.24 4.09
CA LEU A 268 -10.67 19.79 2.76
C LEU A 268 -11.78 18.74 2.71
N GLY A 269 -12.13 18.14 3.84
CA GLY A 269 -13.14 17.07 3.87
C GLY A 269 -12.78 15.96 4.86
N THR A 270 -13.34 14.78 4.66
CA THR A 270 -13.10 13.66 5.54
C THR A 270 -11.62 13.29 5.57
N PHE A 271 -11.14 12.95 6.76
CA PHE A 271 -9.78 12.47 6.95
C PHE A 271 -9.84 10.97 7.22
N VAL A 272 -9.08 10.15 6.49
CA VAL A 272 -9.11 8.71 6.68
C VAL A 272 -7.78 8.28 7.31
N PRO A 273 -7.82 7.72 8.51
CA PRO A 273 -6.59 7.25 9.11
C PRO A 273 -5.95 6.10 8.34
N TYR A 274 -4.70 5.81 8.59
CA TYR A 274 -4.04 4.70 7.94
C TYR A 274 -4.61 3.34 8.37
N PHE A 275 -4.66 2.41 7.41
CA PHE A 275 -4.97 1.03 7.66
C PHE A 275 -3.90 0.18 6.97
N ASP A 276 -3.78 -1.06 7.43
CA ASP A 276 -2.85 -2.02 6.82
C ASP A 276 -3.42 -2.56 5.55
N THR A 277 -2.75 -2.31 4.44
CA THR A 277 -3.22 -2.78 3.15
C THR A 277 -3.19 -4.30 3.01
N ASN A 278 -2.45 -4.96 3.87
N ASN A 278 -2.42 -5.00 3.83
CA ASN A 278 -2.34 -6.39 3.85
CA ASN A 278 -2.37 -6.46 3.74
C ASN A 278 -3.40 -7.03 4.76
C ASN A 278 -3.41 -7.18 4.58
N PHE A 279 -4.67 -6.76 4.49
CA PHE A 279 -5.76 -7.31 5.29
C PHE A 279 -6.33 -8.58 4.70
N ASP A 280 -7.09 -9.29 5.53
CA ASP A 280 -7.75 -10.49 5.10
C ASP A 280 -9.06 -10.67 5.88
N LYS A 281 -9.75 -11.78 5.64
N LYS A 281 -9.76 -11.77 5.64
CA LYS A 281 -11.05 -12.02 6.25
CA LYS A 281 -11.07 -11.97 6.25
C LYS A 281 -11.02 -12.02 7.78
C LYS A 281 -11.04 -12.06 7.78
N ASN A 282 -9.85 -12.27 8.37
CA ASN A 282 -9.71 -12.28 9.83
C ASN A 282 -8.90 -11.18 10.50
N THR A 283 -8.24 -10.34 9.70
CA THR A 283 -7.38 -9.31 10.28
C THR A 283 -7.43 -8.07 9.43
N PHE A 284 -7.95 -7.01 10.03
CA PHE A 284 -7.95 -5.69 9.45
C PHE A 284 -7.46 -4.73 10.54
N LEU A 285 -6.28 -4.17 10.33
CA LEU A 285 -5.66 -3.23 11.29
C LEU A 285 -5.83 -1.82 10.84
N THR A 286 -6.32 -0.97 11.73
CA THR A 286 -6.50 0.44 11.40
C THR A 286 -6.33 1.31 12.63
N PHE A 287 -5.89 2.54 12.40
CA PHE A 287 -6.00 3.57 13.42
C PHE A 287 -7.43 4.07 13.44
N VAL A 288 -7.86 4.48 14.64
CA VAL A 288 -9.20 4.96 14.89
C VAL A 288 -9.08 6.17 15.83
N PRO A 289 -9.81 7.26 15.53
CA PRO A 289 -9.77 8.40 16.42
C PRO A 289 -10.64 8.17 17.65
N TYR A 290 -10.36 8.91 18.71
CA TYR A 290 -11.15 8.83 19.92
C TYR A 290 -12.46 9.60 19.84
N LYS A 291 -12.52 10.58 18.97
CA LYS A 291 -13.74 11.37 18.85
C LYS A 291 -13.81 12.01 17.46
N SER A 292 -15.03 12.30 17.03
CA SER A 292 -15.24 12.96 15.78
C SER A 292 -14.89 14.42 15.95
N ALA A 293 -13.99 14.92 15.12
CA ALA A 293 -13.47 16.30 15.29
C ALA A 293 -12.60 16.72 14.15
N LYS A 294 -12.39 18.03 14.03
N LYS A 294 -12.34 18.02 14.10
CA LYS A 294 -11.43 18.56 13.07
CA LYS A 294 -11.41 18.59 13.16
C LYS A 294 -10.03 18.17 13.53
C LYS A 294 -10.03 18.07 13.57
N ILE A 295 -9.20 17.69 12.61
CA ILE A 295 -7.86 17.17 12.97
C ILE A 295 -6.99 18.18 13.70
N GLY A 298 -1.71 16.99 17.83
CA GLY A 298 -1.34 16.07 18.91
C GLY A 298 -0.91 14.71 18.36
N ALA A 299 0.00 14.04 19.07
CA ALA A 299 0.56 12.75 18.64
C ALA A 299 -0.02 11.53 19.37
N LYS A 300 -1.10 11.76 20.13
CA LYS A 300 -1.77 10.69 20.89
C LYS A 300 -3.28 10.63 20.60
N GLU A 301 -3.64 10.93 19.38
CA GLU A 301 -5.02 11.12 19.05
C GLU A 301 -5.71 9.86 18.57
N TYR A 302 -5.01 8.72 18.52
CA TYR A 302 -5.57 7.49 17.93
C TYR A 302 -5.31 6.29 18.77
N LYS A 303 -6.12 5.27 18.51
CA LYS A 303 -5.80 3.91 18.96
C LYS A 303 -5.63 3.03 17.72
N LEU A 304 -4.79 2.04 17.90
CA LEU A 304 -4.56 1.03 16.86
C LEU A 304 -5.44 -0.16 17.21
N VAL A 305 -6.32 -0.52 16.30
N VAL A 305 -6.33 -0.50 16.28
CA VAL A 305 -7.17 -1.66 16.56
CA VAL A 305 -7.36 -1.53 16.48
C VAL A 305 -7.01 -2.73 15.51
C VAL A 305 -7.28 -2.66 15.45
N LYS A 306 -7.37 -3.93 15.93
CA LYS A 306 -7.42 -5.11 15.07
C LYS A 306 -8.87 -5.58 15.03
N ILE A 307 -9.40 -5.59 13.82
CA ILE A 307 -10.75 -6.07 13.60
C ILE A 307 -10.70 -7.39 12.87
N ASP A 308 -11.48 -8.35 13.36
CA ASP A 308 -11.65 -9.63 12.70
C ASP A 308 -13.06 -9.58 12.12
N PRO A 309 -13.20 -9.27 10.82
CA PRO A 309 -14.55 -9.08 10.27
C PRO A 309 -15.36 -10.37 10.20
N THR A 310 -14.69 -11.52 10.04
CA THR A 310 -15.42 -12.80 10.00
C THR A 310 -15.99 -13.13 11.37
N ASN A 311 -15.17 -12.94 12.41
N ASN A 311 -15.19 -12.96 12.42
CA ASN A 311 -15.59 -13.24 13.76
CA ASN A 311 -15.64 -13.25 13.76
C ASN A 311 -16.34 -12.08 14.42
C ASN A 311 -16.31 -12.07 14.45
N LYS A 312 -16.43 -10.97 13.71
CA LYS A 312 -17.12 -9.79 14.21
C LYS A 312 -16.56 -9.31 15.56
N LYS A 313 -15.23 -9.21 15.64
CA LYS A 313 -14.55 -8.82 16.86
C LYS A 313 -13.62 -7.65 16.61
N GLU A 314 -13.51 -6.79 17.61
CA GLU A 314 -12.60 -5.66 17.61
C GLU A 314 -11.74 -5.71 18.90
N SER A 315 -10.43 -5.54 18.75
N SER A 315 -10.44 -5.45 18.76
CA SER A 315 -9.50 -5.51 19.86
CA SER A 315 -9.54 -5.46 19.91
C SER A 315 -8.58 -4.30 19.72
C SER A 315 -8.47 -4.40 19.77
N THR A 316 -8.28 -3.61 20.80
CA THR A 316 -7.31 -2.51 20.75
C THR A 316 -5.94 -3.04 21.04
N ILE A 317 -5.01 -2.82 20.13
N ILE A 317 -5.03 -2.81 20.11
CA ILE A 317 -3.63 -3.22 20.30
CA ILE A 317 -3.64 -3.22 20.26
C ILE A 317 -2.91 -2.23 21.20
C ILE A 317 -2.87 -2.25 21.14
N LEU A 318 -3.00 -0.95 20.86
CA LEU A 318 -2.35 0.10 21.64
C LEU A 318 -3.19 1.36 21.63
N GLU A 319 -3.25 2.00 22.79
CA GLU A 319 -3.92 3.29 22.92
C GLU A 319 -2.93 4.46 22.76
N LEU A 320 -3.48 5.63 22.49
CA LEU A 320 -2.77 6.90 22.56
C LEU A 320 -1.55 6.92 21.69
N ASP A 322 0.13 7.72 17.48
CA ASP A 322 0.04 8.54 16.30
C ASP A 322 -0.26 7.71 15.05
N ASN A 323 -1.11 8.27 14.23
CA ASN A 323 -1.54 7.67 12.97
C ASN A 323 -0.40 7.77 11.96
N GLN A 324 0.20 6.64 11.60
CA GLN A 324 1.26 6.61 10.59
C GLN A 324 1.09 5.30 9.83
N PRO A 325 1.73 5.15 8.67
CA PRO A 325 1.53 3.91 7.91
C PRO A 325 1.87 2.65 8.69
N ILE A 326 1.14 1.60 8.32
CA ILE A 326 1.28 0.25 8.90
C ILE A 326 1.19 -0.81 7.80
N LEU A 327 1.98 -1.87 7.97
CA LEU A 327 1.98 -2.96 6.96
C LEU A 327 2.30 -4.26 7.67
N SER A 328 1.39 -5.22 7.53
CA SER A 328 1.60 -6.54 8.07
C SER A 328 2.20 -7.47 7.02
N TYR A 329 2.58 -8.65 7.51
CA TYR A 329 3.07 -9.73 6.68
C TYR A 329 1.96 -10.78 6.51
N GLU A 330 2.13 -11.72 5.56
CA GLU A 330 1.16 -12.74 5.29
C GLU A 330 0.80 -13.54 6.51
N THR A 331 1.78 -13.80 7.37
CA THR A 331 1.60 -14.60 8.57
C THR A 331 2.20 -13.92 9.80
N GLY A 332 1.83 -14.37 10.98
CA GLY A 332 2.35 -13.79 12.23
C GLY A 332 1.75 -12.46 12.57
N ASP A 333 2.24 -11.91 13.66
CA ASP A 333 1.66 -10.70 14.26
C ASP A 333 2.49 -9.46 14.20
N LEU A 334 3.56 -9.48 13.43
CA LEU A 334 4.42 -8.31 13.35
C LEU A 334 3.94 -7.36 12.26
N VAL A 335 4.03 -6.05 12.58
CA VAL A 335 3.52 -5.02 11.68
C VAL A 335 4.54 -3.89 11.63
N LEU A 336 4.97 -3.54 10.43
CA LEU A 336 5.86 -2.37 10.25
C LEU A 336 5.03 -1.14 10.50
N TYR A 337 5.68 -0.14 11.11
CA TYR A 337 5.02 1.09 11.50
C TYR A 337 5.91 2.30 11.21
N GLY A 338 5.29 3.34 10.68
CA GLY A 338 5.96 4.65 10.48
C GLY A 338 6.05 5.03 9.04
N TYR A 339 6.31 6.31 8.79
CA TYR A 339 6.47 6.75 7.43
C TYR A 339 7.63 6.07 6.72
N LEU A 340 8.65 5.63 7.48
CA LEU A 340 9.80 4.95 6.90
C LEU A 340 9.83 3.45 7.27
N PHE A 341 8.79 2.95 7.95
CA PHE A 341 8.70 1.56 8.41
C PHE A 341 9.93 1.18 9.19
N ASP A 342 10.33 2.07 10.11
CA ASP A 342 11.51 1.85 10.91
C ASP A 342 11.25 1.25 12.29
N LYS A 343 9.98 1.00 12.58
CA LYS A 343 9.55 0.34 13.82
C LYS A 343 8.69 -0.88 13.50
N VAL A 344 8.63 -1.79 14.46
CA VAL A 344 7.80 -2.96 14.37
C VAL A 344 6.92 -3.06 15.60
N ILE A 345 5.63 -3.25 15.38
CA ILE A 345 4.69 -3.51 16.46
C ILE A 345 4.32 -4.98 16.47
N ASP A 346 4.37 -5.61 17.64
CA ASP A 346 3.89 -6.99 17.79
C ASP A 346 2.44 -6.86 18.24
N THR A 347 1.52 -7.28 17.38
N THR A 347 1.49 -7.25 17.39
CA THR A 347 0.10 -7.10 17.61
CA THR A 347 0.08 -7.04 17.69
C THR A 347 -0.51 -8.06 18.62
C THR A 347 -0.46 -7.97 18.76
N LYS A 348 0.25 -9.08 19.00
CA LYS A 348 -0.17 -10.03 20.02
C LYS A 348 0.10 -9.46 21.43
N THR A 349 1.30 -8.91 21.61
CA THR A 349 1.78 -8.41 22.89
C THR A 349 1.66 -6.90 23.11
N GLY A 350 1.52 -6.14 22.02
CA GLY A 350 1.50 -4.70 22.11
C GLY A 350 2.91 -4.09 22.11
N LYS A 351 3.96 -4.90 22.17
CA LYS A 351 5.30 -4.35 22.24
C LYS A 351 5.75 -3.75 20.92
N TYR A 353 9.19 -2.16 18.72
CA TYR A 353 10.63 -2.33 18.56
C TYR A 353 11.16 -1.39 17.51
N ASN A 354 12.35 -0.87 17.74
CA ASN A 354 13.03 -0.08 16.74
C ASN A 354 13.80 -1.03 15.86
N LEU A 355 13.44 -1.05 14.59
CA LEU A 355 14.13 -1.90 13.61
C LEU A 355 15.35 -1.15 13.03
N ILE A 356 15.15 0.12 12.69
CA ILE A 356 16.22 0.97 12.20
C ILE A 356 16.40 2.10 13.21
N ASN A 357 17.58 2.19 13.79
CA ASN A 357 17.89 3.18 14.80
C ASN A 357 18.65 4.33 14.22
N THR A 358 18.22 5.53 14.56
CA THR A 358 18.92 6.72 14.15
C THR A 358 20.00 6.92 15.22
N PRO A 359 21.26 7.18 14.82
CA PRO A 359 22.22 7.52 15.90
C PRO A 359 21.70 8.68 16.77
N THR A 360 21.97 8.63 18.07
CA THR A 360 21.46 9.64 19.00
C THR A 360 22.11 10.99 18.79
N LYS A 361 23.34 10.97 18.30
CA LYS A 361 24.09 12.16 17.95
C LYS A 361 24.78 11.97 16.60
N SER A 362 25.18 13.08 15.99
CA SER A 362 25.89 13.04 14.72
C SER A 362 27.36 12.73 14.96
N PHE A 363 27.80 11.54 14.58
CA PHE A 363 29.20 11.19 14.76
C PHE A 363 29.74 10.38 13.58
#